data_2KTO
#
_entry.id   2KTO
#
_cell.length_a   1.000
_cell.length_b   1.000
_cell.length_c   1.000
_cell.angle_alpha   90.00
_cell.angle_beta   90.00
_cell.angle_gamma   90.00
#
_symmetry.space_group_name_H-M   'P 1'
#
_entity_poly.entity_id   1
_entity_poly.type   'polypeptide(L)'
_entity_poly.pdbx_seq_one_letter_code
;(2KT)(DBU)PA(DBU)(DBU)(DAL)(DHA)WTCI(DBU)AGV(DBU)V(DAL)ASLCP(DBB)(DBU)KC(DBB)SRC
;
_entity_poly.pdbx_strand_id   A
#
# COMPACT_ATOMS: atom_id res chain seq x y z
N PRO A 3 -17.68 6.86 -10.70
CA PRO A 3 -18.48 5.79 -10.10
C PRO A 3 -17.73 5.06 -8.99
N ALA A 4 -17.29 5.80 -7.99
CA ALA A 4 -16.56 5.23 -6.86
C ALA A 4 -17.52 4.69 -5.80
N TRP A 9 -11.27 0.48 -6.04
CA TRP A 9 -9.84 0.51 -6.36
C TRP A 9 -9.14 1.63 -5.61
N THR A 10 -9.72 2.82 -5.64
CA THR A 10 -9.15 3.96 -4.95
C THR A 10 -8.76 3.63 -3.52
N CYS A 11 -9.74 3.17 -2.74
CA CYS A 11 -9.50 2.81 -1.34
C CYS A 11 -8.38 1.77 -1.24
N ILE A 12 -8.34 0.86 -2.20
CA ILE A 12 -7.33 -0.19 -2.21
C ILE A 12 -5.92 0.41 -2.35
N ALA A 14 -4.68 3.36 -2.27
CA ALA A 14 -4.27 4.39 -1.33
C ALA A 14 -3.83 3.77 0.00
N GLY A 15 -4.61 2.81 0.49
CA GLY A 15 -4.29 2.16 1.74
C GLY A 15 -3.07 1.26 1.63
N VAL A 16 -3.05 0.42 0.60
CA VAL A 16 -1.94 -0.50 0.38
C VAL A 16 -0.60 0.23 0.46
N VAL A 18 0.51 2.78 2.06
CA VAL A 18 1.01 3.18 3.37
C VAL A 18 1.56 1.98 4.14
N ALA A 20 2.71 -0.98 3.00
CA ALA A 20 3.94 -1.45 2.40
C ALA A 20 5.07 -0.45 2.62
N SER A 21 4.75 0.67 3.26
CA SER A 21 5.74 1.70 3.54
C SER A 21 6.50 1.41 4.83
N LEU A 22 5.75 1.06 5.87
CA LEU A 22 6.36 0.75 7.17
C LEU A 22 5.99 -0.66 7.62
N CYS A 23 4.70 -0.97 7.54
CA CYS A 23 4.22 -2.29 7.95
C CYS A 23 5.32 -3.34 7.78
N PRO A 24 5.62 -4.06 8.88
CA PRO A 24 6.65 -5.10 8.88
C PRO A 24 6.50 -6.06 7.70
N LYS A 27 9.59 -4.12 3.30
CA LYS A 27 10.82 -3.85 2.56
C LYS A 27 11.64 -5.12 2.40
N CYS A 28 11.12 -6.23 2.89
CA CYS A 28 11.81 -7.51 2.81
C CYS A 28 11.53 -8.19 1.47
N SER A 30 9.54 -7.04 -0.69
CA SER A 30 8.25 -6.53 -1.13
C SER A 30 8.43 -5.31 -2.03
N ARG A 31 9.44 -4.50 -1.71
CA ARG A 31 9.72 -3.30 -2.48
C ARG A 31 11.21 -3.20 -2.81
N CYS A 32 12.06 -3.50 -1.83
CA CYS A 32 13.49 -3.45 -2.01
C CYS A 32 13.88 -2.31 -2.97
N PRO A 3 -16.49 6.72 -10.87
CA PRO A 3 -17.49 5.81 -10.32
C PRO A 3 -16.96 5.04 -9.10
N ALA A 4 -16.54 5.78 -8.09
CA ALA A 4 -16.02 5.16 -6.87
C ALA A 4 -17.15 4.82 -5.90
N TRP A 9 -11.81 0.34 -5.69
CA TRP A 9 -10.42 0.44 -6.14
C TRP A 9 -9.68 1.54 -5.40
N THR A 10 -10.29 2.72 -5.34
CA THR A 10 -9.69 3.86 -4.66
C THR A 10 -9.24 3.48 -3.24
N CYS A 11 -10.17 2.98 -2.45
CA CYS A 11 -9.88 2.57 -1.08
C CYS A 11 -8.71 1.59 -1.04
N ILE A 12 -8.66 0.70 -2.03
CA ILE A 12 -7.59 -0.29 -2.11
C ILE A 12 -6.23 0.37 -2.27
N ALA A 14 -5.11 3.36 -2.16
CA ALA A 14 -4.71 4.39 -1.20
C ALA A 14 -4.20 3.76 0.09
N GLY A 15 -4.92 2.75 0.59
CA GLY A 15 -4.53 2.10 1.81
C GLY A 15 -3.28 1.26 1.63
N VAL A 16 -3.24 0.44 0.58
CA VAL A 16 -2.10 -0.41 0.31
C VAL A 16 -0.79 0.38 0.36
N VAL A 18 0.24 2.93 1.98
CA VAL A 18 0.77 3.33 3.28
C VAL A 18 1.39 2.14 4.01
N ALA A 20 2.59 -0.72 2.84
CA ALA A 20 3.83 -1.12 2.20
C ALA A 20 4.94 -0.11 2.47
N SER A 21 4.60 0.97 3.17
CA SER A 21 5.57 2.01 3.48
C SER A 21 6.35 1.66 4.75
N LEU A 22 5.63 1.27 5.79
CA LEU A 22 6.26 0.90 7.05
C LEU A 22 5.91 -0.53 7.45
N CYS A 23 4.62 -0.85 7.39
CA CYS A 23 4.16 -2.19 7.75
C CYS A 23 5.25 -3.23 7.53
N PRO A 24 5.57 -3.97 8.59
CA PRO A 24 6.61 -5.01 8.55
C PRO A 24 6.46 -5.92 7.34
N LYS A 27 9.52 -3.76 3.00
CA LYS A 27 10.74 -3.46 2.26
C LYS A 27 11.56 -4.72 2.03
N CYS A 28 11.04 -5.85 2.49
CA CYS A 28 11.74 -7.13 2.34
C CYS A 28 11.42 -7.75 0.98
N SER A 30 9.42 -6.54 -1.17
CA SER A 30 8.18 -5.93 -1.61
C SER A 30 8.44 -4.55 -2.20
N ARG A 31 9.08 -3.68 -1.41
CA ARG A 31 9.39 -2.33 -1.84
C ARG A 31 10.89 -2.07 -1.78
N CYS A 32 11.68 -3.05 -2.20
CA CYS A 32 13.13 -2.93 -2.18
C CYS A 32 13.62 -2.18 -3.42
N PRO A 3 -17.13 6.28 -10.69
CA PRO A 3 -16.24 7.30 -10.13
C PRO A 3 -15.92 7.07 -8.66
N ALA A 4 -15.38 5.89 -8.37
CA ALA A 4 -15.02 5.54 -7.00
C ALA A 4 -16.22 4.97 -6.24
N TRP A 9 -11.66 1.56 -5.47
CA TRP A 9 -10.29 1.62 -5.95
C TRP A 9 -9.47 2.62 -5.15
N THR A 10 -10.00 3.84 -5.00
CA THR A 10 -9.32 4.89 -4.26
C THR A 10 -8.90 4.39 -2.87
N CYS A 11 -9.86 3.89 -2.11
CA CYS A 11 -9.58 3.38 -0.78
C CYS A 11 -8.47 2.33 -0.81
N ILE A 12 -8.48 1.51 -1.85
CA ILE A 12 -7.48 0.46 -2.01
C ILE A 12 -6.08 1.05 -2.14
N ALA A 14 -4.78 3.94 -1.83
CA ALA A 14 -4.31 4.88 -0.82
C ALA A 14 -3.83 4.14 0.42
N GLY A 15 -4.61 3.15 0.86
CA GLY A 15 -4.25 2.37 2.03
C GLY A 15 -3.05 1.48 1.80
N VAL A 16 -3.08 0.74 0.69
CA VAL A 16 -2.00 -0.18 0.35
C VAL A 16 -0.65 0.54 0.44
N VAL A 18 0.56 2.91 2.22
CA VAL A 18 1.13 3.17 3.54
C VAL A 18 1.67 1.89 4.18
N ALA A 20 2.68 -0.95 2.81
CA ALA A 20 3.89 -1.39 2.13
C ALA A 20 5.06 -0.47 2.45
N SER A 21 4.79 0.57 3.22
CA SER A 21 5.83 1.53 3.59
C SER A 21 6.59 1.05 4.83
N LEU A 22 5.86 0.64 5.85
CA LEU A 22 6.47 0.14 7.08
C LEU A 22 6.03 -1.28 7.38
N CYS A 23 4.72 -1.51 7.32
CA CYS A 23 4.17 -2.84 7.59
C CYS A 23 5.20 -3.93 7.30
N PRO A 24 5.46 -4.78 8.31
CA PRO A 24 6.42 -5.87 8.18
C PRO A 24 6.22 -6.69 6.91
N LYS A 27 9.44 -4.46 2.74
CA LYS A 27 10.68 -4.15 2.04
C LYS A 27 11.47 -5.44 1.77
N CYS A 28 10.86 -6.58 2.08
CA CYS A 28 11.50 -7.87 1.87
C CYS A 28 11.27 -8.37 0.45
N SER A 30 9.65 -6.66 -1.79
CA SER A 30 8.57 -5.84 -2.31
C SER A 30 9.08 -4.50 -2.80
N ARG A 31 9.73 -3.76 -1.91
CA ARG A 31 10.29 -2.45 -2.24
C ARG A 31 11.80 -2.43 -2.03
N CYS A 32 12.46 -3.50 -2.43
CA CYS A 32 13.91 -3.60 -2.28
C CYS A 32 14.63 -2.90 -3.42
N PRO A 3 -17.20 7.86 -10.47
CA PRO A 3 -15.79 7.78 -10.08
C PRO A 3 -15.57 6.76 -8.97
N ALA A 4 -15.96 5.51 -9.23
CA ALA A 4 -15.81 4.45 -8.24
C ALA A 4 -16.96 4.43 -7.25
N TRP A 9 -11.31 0.88 -6.05
CA TRP A 9 -9.92 0.87 -6.48
C TRP A 9 -9.13 1.95 -5.75
N THR A 10 -9.67 3.16 -5.72
CA THR A 10 -9.01 4.28 -5.07
C THR A 10 -8.61 3.93 -3.63
N CYS A 11 -9.58 3.49 -2.84
CA CYS A 11 -9.34 3.11 -1.46
C CYS A 11 -8.23 2.06 -1.37
N ILE A 12 -8.22 1.15 -2.33
CA ILE A 12 -7.21 0.09 -2.36
C ILE A 12 -5.81 0.67 -2.52
N ALA A 14 -4.52 3.59 -2.46
CA ALA A 14 -4.07 4.62 -1.53
C ALA A 14 -3.63 4.00 -0.21
N GLY A 15 -4.41 3.05 0.30
CA GLY A 15 -4.08 2.40 1.55
C GLY A 15 -2.88 1.49 1.43
N VAL A 16 -2.88 0.64 0.40
CA VAL A 16 -1.78 -0.29 0.16
C VAL A 16 -0.44 0.43 0.21
N VAL A 18 0.73 2.97 1.80
CA VAL A 18 1.26 3.36 3.09
C VAL A 18 1.79 2.14 3.86
N ALA A 20 2.84 -0.81 2.80
CA ALA A 20 4.06 -1.31 2.19
C ALA A 20 5.22 -0.35 2.45
N SER A 21 4.93 0.76 3.11
CA SER A 21 5.96 1.75 3.42
C SER A 21 6.71 1.39 4.70
N LEU A 22 5.95 1.06 5.74
CA LEU A 22 6.53 0.70 7.03
C LEU A 22 6.07 -0.70 7.45
N CYS A 23 4.78 -0.95 7.38
CA CYS A 23 4.22 -2.25 7.75
C CYS A 23 5.26 -3.35 7.59
N PRO A 24 5.50 -4.09 8.67
CA PRO A 24 6.48 -5.20 8.67
C PRO A 24 6.29 -6.13 7.48
N LYS A 27 9.57 -4.34 3.15
CA LYS A 27 10.82 -4.13 2.44
C LYS A 27 11.58 -5.44 2.28
N CYS A 28 10.97 -6.54 2.72
CA CYS A 28 11.59 -7.85 2.63
C CYS A 28 11.31 -8.49 1.27
N SER A 30 9.70 -6.94 -1.11
CA SER A 30 8.63 -6.14 -1.69
C SER A 30 9.19 -4.88 -2.33
N ARG A 31 9.87 -4.07 -1.52
CA ARG A 31 10.46 -2.82 -2.01
C ARG A 31 11.98 -2.83 -1.82
N CYS A 32 12.60 -3.96 -2.11
CA CYS A 32 14.04 -4.11 -1.97
C CYS A 32 14.76 -3.55 -3.18
N PRO A 3 -16.11 8.82 -7.94
CA PRO A 3 -14.87 8.06 -7.87
C PRO A 3 -15.11 6.56 -7.80
N ALA A 4 -15.81 6.03 -8.80
CA ALA A 4 -16.12 4.60 -8.85
C ALA A 4 -17.35 4.28 -8.03
N TRP A 9 -11.85 -1.09 -6.25
CA TRP A 9 -10.47 -1.07 -6.71
C TRP A 9 -9.74 0.14 -6.15
N THR A 10 -10.35 1.32 -6.27
CA THR A 10 -9.74 2.55 -5.78
C THR A 10 -9.32 2.41 -4.33
N CYS A 11 -10.26 2.02 -3.46
CA CYS A 11 -9.98 1.85 -2.05
C CYS A 11 -8.80 0.89 -1.84
N ILE A 12 -8.75 -0.15 -2.67
CA ILE A 12 -7.68 -1.13 -2.59
C ILE A 12 -6.32 -0.50 -2.85
N ALA A 14 -5.20 2.46 -3.19
CA ALA A 14 -4.81 3.63 -2.41
C ALA A 14 -4.31 3.23 -1.03
N GLY A 15 -5.03 2.30 -0.39
CA GLY A 15 -4.65 1.85 0.93
C GLY A 15 -3.39 0.99 0.90
N VAL A 16 -3.36 0.03 0.00
CA VAL A 16 -2.21 -0.86 -0.12
C VAL A 16 -0.90 -0.07 -0.20
N VAL A 18 0.11 2.73 1.01
CA VAL A 18 0.64 3.31 2.23
C VAL A 18 1.25 2.26 3.15
N ALA A 20 2.46 -0.75 2.46
CA ALA A 20 3.71 -1.25 1.91
C ALA A 20 4.82 -0.20 2.00
N SER A 21 4.47 0.98 2.52
CA SER A 21 5.43 2.06 2.68
C SER A 21 6.21 1.92 3.98
N LEU A 22 5.48 1.69 5.08
CA LEU A 22 6.10 1.54 6.39
C LEU A 22 5.74 0.18 7.00
N CYS A 23 4.45 -0.14 7.00
CA CYS A 23 3.98 -1.40 7.55
C CYS A 23 5.09 -2.46 7.53
N PRO A 24 5.37 -3.05 8.70
CA PRO A 24 6.40 -4.08 8.83
C PRO A 24 6.29 -5.16 7.76
N LYS A 27 9.45 -3.71 3.23
CA LYS A 27 10.69 -3.50 2.49
C LYS A 27 11.58 -4.74 2.55
N CYS A 28 11.04 -5.83 3.09
CA CYS A 28 11.78 -7.08 3.20
C CYS A 28 11.65 -7.89 1.91
N SER A 30 10.09 -6.77 -0.75
CA SER A 30 9.01 -6.13 -1.50
C SER A 30 9.53 -4.93 -2.29
N ARG A 31 10.09 -3.96 -1.56
CA ARG A 31 10.62 -2.76 -2.19
C ARG A 31 12.11 -2.62 -1.89
N CYS A 32 12.84 -3.72 -1.98
CA CYS A 32 14.28 -3.72 -1.72
C CYS A 32 15.06 -3.26 -2.95
N PRO A 3 -15.06 8.44 -4.39
CA PRO A 3 -16.40 7.85 -4.28
C PRO A 3 -16.81 7.09 -5.54
N ALA A 4 -16.00 6.11 -5.92
CA ALA A 4 -16.28 5.30 -7.10
C ALA A 4 -17.21 4.15 -6.78
N TRP A 9 -11.66 -0.93 -6.87
CA TRP A 9 -10.25 -0.87 -7.25
C TRP A 9 -9.56 0.32 -6.59
N THR A 10 -10.05 1.52 -6.88
CA THR A 10 -9.48 2.74 -6.32
C THR A 10 -9.13 2.55 -4.85
N CYS A 11 -10.11 2.11 -4.06
CA CYS A 11 -9.90 1.89 -2.64
C CYS A 11 -8.73 0.95 -2.39
N ILE A 12 -8.63 -0.07 -3.23
CA ILE A 12 -7.55 -1.05 -3.11
C ILE A 12 -6.18 -0.40 -3.32
N ALA A 14 -5.11 2.59 -3.61
CA ALA A 14 -4.76 3.76 -2.81
C ALA A 14 -4.30 3.35 -1.42
N GLY A 15 -5.03 2.41 -0.80
CA GLY A 15 -4.68 1.95 0.53
C GLY A 15 -3.42 1.12 0.53
N VAL A 16 -3.34 0.15 -0.38
CA VAL A 16 -2.17 -0.72 -0.47
C VAL A 16 -0.87 0.10 -0.49
N VAL A 18 0.06 2.89 0.78
CA VAL A 18 0.53 3.48 2.03
C VAL A 18 1.12 2.41 2.95
N ALA A 20 2.40 -0.56 2.29
CA ALA A 20 3.68 -1.05 1.76
C ALA A 20 4.76 0.01 1.93
N SER A 21 4.38 1.18 2.44
CA SER A 21 5.32 2.28 2.63
C SER A 21 6.05 2.13 3.96
N LEU A 22 5.29 1.89 5.03
CA LEU A 22 5.86 1.73 6.36
C LEU A 22 5.51 0.36 6.94
N CYS A 23 4.23 0.02 6.89
CA CYS A 23 3.75 -1.25 7.41
C CYS A 23 4.87 -2.30 7.41
N PRO A 24 5.15 -2.88 8.59
CA PRO A 24 6.19 -3.89 8.75
C PRO A 24 6.11 -4.98 7.67
N LYS A 27 9.34 -3.45 3.20
CA LYS A 27 10.59 -3.25 2.48
C LYS A 27 11.43 -4.51 2.48
N CYS A 28 10.90 -5.58 3.08
CA CYS A 28 11.61 -6.86 3.15
C CYS A 28 11.35 -7.68 1.90
N SER A 30 9.42 -6.86 -0.47
CA SER A 30 8.17 -6.36 -1.04
C SER A 30 8.42 -5.07 -1.82
N ARG A 31 9.00 -4.08 -1.13
CA ARG A 31 9.30 -2.80 -1.76
C ARG A 31 10.79 -2.48 -1.69
N CYS A 32 11.61 -3.49 -1.98
CA CYS A 32 13.06 -3.33 -1.95
C CYS A 32 13.56 -2.78 -3.29
N PRO A 3 -16.59 7.10 -10.41
CA PRO A 3 -15.24 6.93 -9.87
C PRO A 3 -15.21 6.05 -8.63
N ALA A 4 -15.70 4.82 -8.78
CA ALA A 4 -15.73 3.87 -7.68
C ALA A 4 -16.96 4.07 -6.82
N TRP A 9 -11.92 1.12 -5.40
CA TRP A 9 -10.54 1.13 -5.87
C TRP A 9 -9.71 2.16 -5.10
N THR A 10 -10.25 3.37 -4.97
CA THR A 10 -9.57 4.43 -4.26
C THR A 10 -9.14 3.98 -2.87
N CYS A 11 -10.11 3.50 -2.09
CA CYS A 11 -9.83 3.04 -0.73
C CYS A 11 -8.73 1.99 -0.73
N ILE A 12 -8.74 1.12 -1.73
CA ILE A 12 -7.74 0.07 -1.85
C ILE A 12 -6.34 0.66 -2.01
N ALA A 14 -5.05 3.56 -1.83
CA ALA A 14 -4.58 4.54 -0.85
C ALA A 14 -4.09 3.85 0.41
N GLY A 15 -4.87 2.88 0.88
CA GLY A 15 -4.50 2.16 2.09
C GLY A 15 -3.30 1.26 1.89
N VAL A 16 -3.33 0.47 0.82
CA VAL A 16 -2.24 -0.44 0.51
C VAL A 16 -0.89 0.26 0.56
N VAL A 18 0.30 2.72 2.25
CA VAL A 18 0.87 3.05 3.56
C VAL A 18 1.43 1.81 4.24
N ALA A 20 2.49 -1.11 2.91
CA ALA A 20 3.70 -1.57 2.23
C ALA A 20 4.85 -0.57 2.46
N SER A 21 4.56 0.51 3.16
CA SER A 21 5.57 1.52 3.44
C SER A 21 6.38 1.16 4.69
N LEU A 22 5.68 0.77 5.75
CA LEU A 22 6.33 0.39 6.99
C LEU A 22 5.96 -1.03 7.40
N CYS A 23 4.67 -1.34 7.36
CA CYS A 23 4.19 -2.67 7.72
C CYS A 23 5.27 -3.72 7.47
N PRO A 24 5.60 -4.50 8.51
CA PRO A 24 6.61 -5.54 8.43
C PRO A 24 6.42 -6.45 7.20
N LYS A 27 9.38 -4.37 2.80
CA LYS A 27 10.59 -4.06 2.04
C LYS A 27 11.46 -5.30 1.87
N CYS A 28 10.92 -6.45 2.24
CA CYS A 28 11.64 -7.71 2.12
C CYS A 28 11.48 -8.32 0.73
N SER A 30 9.91 -6.73 -1.69
CA SER A 30 8.84 -5.95 -2.32
C SER A 30 9.39 -4.65 -2.89
N ARG A 31 9.98 -3.83 -2.03
CA ARG A 31 10.54 -2.55 -2.45
C ARG A 31 12.04 -2.50 -2.18
N CYS A 32 12.73 -3.60 -2.49
CA CYS A 32 14.17 -3.68 -2.29
C CYS A 32 14.92 -3.09 -3.46
N PRO A 3 -17.58 -0.76 -8.85
CA PRO A 3 -16.24 -0.28 -9.16
C PRO A 3 -15.69 0.65 -8.07
N ALA A 4 -15.63 0.14 -6.85
CA ALA A 4 -15.12 0.92 -5.72
C ALA A 4 -16.22 1.79 -5.12
N TRP A 9 -8.95 5.42 -7.27
CA TRP A 9 -7.49 5.40 -7.20
C TRP A 9 -6.99 6.24 -6.03
N THR A 10 -7.50 7.45 -5.91
CA THR A 10 -7.11 8.35 -4.84
C THR A 10 -7.00 7.62 -3.51
N CYS A 11 -8.13 7.13 -3.02
CA CYS A 11 -8.16 6.40 -1.75
C CYS A 11 -7.19 5.24 -1.77
N ILE A 12 -7.05 4.60 -2.93
CA ILE A 12 -6.14 3.47 -3.07
C ILE A 12 -4.70 3.89 -2.84
N ALA A 14 -3.26 6.56 -1.73
CA ALA A 14 -2.92 7.24 -0.50
C ALA A 14 -2.79 6.25 0.66
N GLY A 15 -3.72 5.31 0.74
CA GLY A 15 -3.68 4.32 1.80
C GLY A 15 -2.56 3.32 1.62
N VAL A 16 -2.43 2.78 0.41
CA VAL A 16 -1.39 1.81 0.10
C VAL A 16 -0.02 2.30 0.57
N VAL A 18 1.02 4.15 2.97
CA VAL A 18 1.32 4.12 4.40
C VAL A 18 1.59 2.69 4.87
N ALA A 20 2.58 0.04 3.21
CA ALA A 20 3.86 -0.45 2.70
C ALA A 20 5.03 0.22 3.41
N SER A 21 4.71 1.15 4.32
CA SER A 21 5.73 1.86 5.06
C SER A 21 6.17 1.06 6.29
N LEU A 22 5.20 0.59 7.05
CA LEU A 22 5.47 -0.20 8.25
C LEU A 22 4.84 -1.59 8.16
N CYS A 23 3.56 -1.63 7.79
CA CYS A 23 2.85 -2.89 7.67
C CYS A 23 3.80 -4.01 7.31
N PRO A 24 3.89 -5.03 8.20
CA PRO A 24 4.76 -6.19 7.99
C PRO A 24 4.61 -6.78 6.60
N LYS A 27 8.34 -5.30 2.68
CA LYS A 27 9.64 -5.32 2.02
C LYS A 27 9.93 -6.71 1.46
N CYS A 28 9.09 -7.68 1.81
CA CYS A 28 9.27 -9.05 1.34
C CYS A 28 8.59 -9.23 -0.02
N SER A 30 6.99 -6.95 -1.50
CA SER A 30 5.97 -5.91 -1.58
C SER A 30 6.53 -4.65 -2.24
N ARG A 31 7.82 -4.39 -2.02
CA ARG A 31 8.47 -3.22 -2.59
C ARG A 31 9.82 -3.60 -3.18
N CYS A 32 10.58 -4.41 -2.46
CA CYS A 32 11.90 -4.84 -2.92
C CYS A 32 12.58 -3.75 -3.73
N PRO A 3 -16.73 3.77 -11.13
CA PRO A 3 -17.86 3.71 -10.20
C PRO A 3 -17.42 3.39 -8.78
N ALA A 4 -16.54 4.21 -8.24
CA ALA A 4 -16.03 4.01 -6.88
C ALA A 4 -16.96 4.64 -5.86
N TRP A 9 -11.88 1.79 -5.63
CA TRP A 9 -10.49 1.85 -6.06
C TRP A 9 -9.71 2.86 -5.23
N THR A 10 -10.37 3.96 -4.86
CA THR A 10 -9.74 5.00 -4.07
C THR A 10 -9.31 4.47 -2.71
N CYS A 11 -10.26 3.93 -1.96
CA CYS A 11 -9.97 3.38 -0.64
C CYS A 11 -8.86 2.35 -0.70
N ILE A 12 -8.84 1.57 -1.78
CA ILE A 12 -7.83 0.54 -1.96
C ILE A 12 -6.44 1.15 -2.06
N ALA A 14 -5.19 4.05 -1.63
CA ALA A 14 -4.76 4.96 -0.56
C ALA A 14 -4.28 4.18 0.65
N GLY A 15 -5.03 3.16 1.04
CA GLY A 15 -4.67 2.36 2.19
C GLY A 15 -3.45 1.49 1.93
N VAL A 16 -3.45 0.79 0.81
CA VAL A 16 -2.35 -0.08 0.44
C VAL A 16 -1.01 0.65 0.56
N VAL A 18 0.12 2.98 2.46
CA VAL A 18 0.67 3.22 3.79
C VAL A 18 1.24 1.94 4.38
N ALA A 20 2.37 -0.84 2.84
CA ALA A 20 3.60 -1.21 2.15
C ALA A 20 4.72 -0.24 2.46
N SER A 21 4.41 0.78 3.24
CA SER A 21 5.40 1.79 3.62
C SER A 21 6.20 1.34 4.84
N LEU A 22 5.49 0.86 5.86
CA LEU A 22 6.13 0.41 7.08
C LEU A 22 5.79 -1.05 7.36
N CYS A 23 4.50 -1.38 7.29
CA CYS A 23 4.05 -2.74 7.53
C CYS A 23 5.14 -3.76 7.20
N PRO A 24 5.50 -4.59 8.19
CA PRO A 24 6.54 -5.62 8.03
C PRO A 24 6.35 -6.43 6.75
N LYS A 27 9.27 -3.92 2.52
CA LYS A 27 10.47 -3.56 1.77
C LYS A 27 11.30 -4.79 1.43
N CYS A 28 10.80 -5.96 1.80
CA CYS A 28 11.49 -7.21 1.53
C CYS A 28 11.16 -7.72 0.13
N SER A 30 9.08 -6.35 -1.79
CA SER A 30 7.78 -5.78 -2.12
C SER A 30 7.94 -4.44 -2.84
N ARG A 31 8.98 -3.70 -2.48
CA ARG A 31 9.25 -2.41 -3.09
C ARG A 31 10.72 -2.27 -3.46
N CYS A 32 11.60 -2.69 -2.55
CA CYS A 32 13.03 -2.62 -2.78
C CYS A 32 13.39 -1.38 -3.60
N PRO A 3 -17.13 6.02 -10.75
CA PRO A 3 -15.79 5.51 -10.50
C PRO A 3 -15.70 4.68 -9.22
N ALA A 4 -16.52 3.64 -9.15
CA ALA A 4 -16.54 2.77 -7.98
C ALA A 4 -17.45 3.33 -6.88
N TRP A 9 -11.62 0.78 -5.57
CA TRP A 9 -10.24 0.84 -6.02
C TRP A 9 -9.47 1.95 -5.30
N THR A 10 -10.19 3.00 -4.90
CA THR A 10 -9.57 4.12 -4.21
C THR A 10 -9.11 3.72 -2.81
N CYS A 11 -10.04 3.24 -2.00
CA CYS A 11 -9.74 2.81 -0.64
C CYS A 11 -8.62 1.78 -0.63
N ILE A 12 -8.61 0.91 -1.63
CA ILE A 12 -7.59 -0.13 -1.75
C ILE A 12 -6.20 0.48 -1.92
N ALA A 14 -4.97 3.42 -1.77
CA ALA A 14 -4.52 4.42 -0.80
C ALA A 14 -4.02 3.76 0.48
N GLY A 15 -4.77 2.77 0.97
CA GLY A 15 -4.37 2.07 2.17
C GLY A 15 -3.15 1.19 1.97
N VAL A 16 -3.18 0.39 0.91
CA VAL A 16 -2.06 -0.51 0.60
C VAL A 16 -0.73 0.24 0.64
N VAL A 18 0.42 2.74 2.28
CA VAL A 18 0.99 3.09 3.58
C VAL A 18 1.57 1.87 4.28
N ALA A 20 2.65 -1.01 3.06
CA ALA A 20 3.87 -1.45 2.39
C ALA A 20 5.02 -0.48 2.65
N SER A 21 4.72 0.60 3.36
CA SER A 21 5.73 1.60 3.69
C SER A 21 6.52 1.21 4.92
N LEU A 22 5.81 0.82 5.97
CA LEU A 22 6.45 0.42 7.22
C LEU A 22 6.05 -1.01 7.60
N CYS A 23 4.74 -1.28 7.57
CA CYS A 23 4.24 -2.61 7.91
C CYS A 23 5.30 -3.67 7.66
N PRO A 24 5.60 -4.45 8.72
CA PRO A 24 6.60 -5.53 8.64
C PRO A 24 6.40 -6.42 7.41
N LYS A 27 9.49 -4.32 3.07
CA LYS A 27 10.72 -4.04 2.33
C LYS A 27 11.51 -5.31 2.10
N CYS A 28 10.95 -6.44 2.52
CA CYS A 28 11.61 -7.74 2.36
C CYS A 28 11.31 -8.33 0.98
N SER A 30 9.35 -6.98 -1.09
CA SER A 30 8.08 -6.41 -1.51
C SER A 30 8.29 -5.13 -2.32
N ARG A 31 9.33 -4.38 -1.96
CA ARG A 31 9.65 -3.14 -2.66
C ARG A 31 11.13 -3.07 -2.99
N CYS A 32 11.97 -3.45 -2.04
CA CYS A 32 13.41 -3.43 -2.23
C CYS A 32 13.83 -2.27 -3.13
N PRO A 3 -17.20 -0.41 -8.20
CA PRO A 3 -18.33 0.28 -7.58
C PRO A 3 -18.16 0.46 -6.08
N ALA A 4 -17.07 1.09 -5.68
CA ALA A 4 -16.79 1.33 -4.27
C ALA A 4 -17.49 2.58 -3.77
N TRP A 9 -10.54 4.71 -6.66
CA TRP A 9 -9.10 4.64 -6.86
C TRP A 9 -8.38 5.47 -5.80
N THR A 10 -8.85 6.69 -5.58
CA THR A 10 -8.24 7.58 -4.60
C THR A 10 -8.01 6.87 -3.28
N CYS A 11 -9.09 6.38 -2.68
CA CYS A 11 -9.01 5.67 -1.40
C CYS A 11 -8.03 4.51 -1.49
N ILE A 12 -8.00 3.84 -2.65
CA ILE A 12 -7.10 2.72 -2.85
C ILE A 12 -5.64 3.15 -2.76
N ALA A 14 -4.11 5.82 -1.88
CA ALA A 14 -3.66 6.54 -0.69
C ALA A 14 -3.41 5.58 0.46
N GLY A 15 -4.32 4.64 0.66
CA GLY A 15 -4.18 3.67 1.73
C GLY A 15 -3.05 2.68 1.47
N VAL A 16 -3.04 2.12 0.27
CA VAL A 16 -2.00 1.14 -0.10
C VAL A 16 -0.61 1.67 0.22
N VAL A 18 0.61 3.62 2.47
CA VAL A 18 1.05 3.63 3.86
C VAL A 18 1.40 2.23 4.34
N ALA A 20 2.32 -0.50 2.57
CA ALA A 20 3.55 -0.96 1.95
C ALA A 20 4.75 -0.18 2.46
N SER A 21 4.50 0.79 3.34
CA SER A 21 5.56 1.61 3.90
C SER A 21 6.18 0.93 5.12
N LEU A 22 5.33 0.45 6.02
CA LEU A 22 5.78 -0.22 7.24
C LEU A 22 5.24 -1.64 7.31
N CYS A 23 3.93 -1.79 7.09
CA CYS A 23 3.29 -3.10 7.13
C CYS A 23 4.28 -4.20 6.77
N PRO A 24 4.42 -5.17 7.68
CA PRO A 24 5.34 -6.31 7.49
C PRO A 24 5.19 -6.95 6.12
N LYS A 27 8.81 -4.41 2.48
CA LYS A 27 10.11 -4.13 1.90
C LYS A 27 10.82 -5.41 1.50
N CYS A 28 10.15 -6.55 1.66
CA CYS A 28 10.71 -7.84 1.32
C CYS A 28 10.51 -8.15 -0.15
N SER A 30 8.90 -6.29 -2.12
CA SER A 30 7.73 -5.50 -2.53
C SER A 30 8.16 -4.15 -3.09
N ARG A 31 9.22 -3.59 -2.53
CA ARG A 31 9.73 -2.29 -2.97
C ARG A 31 11.23 -2.33 -3.14
N CYS A 32 11.93 -2.96 -2.19
CA CYS A 32 13.38 -3.06 -2.24
C CYS A 32 14.00 -1.82 -2.88
N PRO A 3 -15.80 7.68 -9.27
CA PRO A 3 -14.55 6.96 -9.05
C PRO A 3 -14.75 5.69 -8.23
N ALA A 4 -15.61 4.80 -8.74
CA ALA A 4 -15.89 3.54 -8.06
C ALA A 4 -16.98 3.72 -6.99
N TRP A 9 -11.10 -0.37 -6.31
CA TRP A 9 -9.71 -0.12 -6.67
C TRP A 9 -9.12 1.04 -5.88
N THR A 10 -9.95 2.06 -5.67
CA THR A 10 -9.52 3.24 -4.92
C THR A 10 -9.10 2.87 -3.50
N CYS A 11 -10.01 2.25 -2.76
CA CYS A 11 -9.73 1.83 -1.40
C CYS A 11 -8.47 0.96 -1.33
N ILE A 12 -8.28 0.14 -2.33
CA ILE A 12 -7.12 -0.74 -2.40
C ILE A 12 -5.83 0.06 -2.46
N ALA A 14 -5.04 3.13 -2.18
CA ALA A 14 -4.80 4.16 -1.18
C ALA A 14 -4.29 3.54 0.12
N GLY A 15 -4.92 2.45 0.54
CA GLY A 15 -4.52 1.78 1.76
C GLY A 15 -3.18 1.08 1.63
N VAL A 16 -3.01 0.32 0.56
CA VAL A 16 -1.78 -0.41 0.31
C VAL A 16 -0.56 0.51 0.45
N VAL A 18 0.13 3.10 2.22
CA VAL A 18 0.56 3.49 3.56
C VAL A 18 1.24 2.33 4.28
N ALA A 20 2.79 -0.32 3.09
CA ALA A 20 4.09 -0.58 2.51
C ALA A 20 5.08 0.52 2.89
N SER A 21 4.60 1.53 3.61
CA SER A 21 5.45 2.64 4.04
C SER A 21 6.19 2.29 5.32
N LEU A 22 5.45 1.78 6.31
CA LEU A 22 6.04 1.42 7.59
C LEU A 22 5.81 -0.06 7.89
N CYS A 23 4.57 -0.50 7.74
CA CYS A 23 4.22 -1.90 7.99
C CYS A 23 5.42 -2.82 7.75
N PRO A 24 5.85 -3.52 8.80
CA PRO A 24 6.98 -4.45 8.73
C PRO A 24 6.90 -5.38 7.53
N LYS A 27 9.75 -4.01 2.88
CA LYS A 27 10.95 -3.86 2.07
C LYS A 27 11.58 -5.22 1.78
N CYS A 28 11.06 -6.25 2.44
CA CYS A 28 11.57 -7.61 2.26
C CYS A 28 10.89 -8.30 1.07
N SER A 30 8.72 -6.77 -0.83
CA SER A 30 7.56 -5.94 -1.14
C SER A 30 7.97 -4.74 -1.98
N ARG A 31 8.88 -3.94 -1.45
CA ARG A 31 9.35 -2.75 -2.16
C ARG A 31 10.86 -2.83 -2.40
N CYS A 32 11.33 -4.00 -2.79
CA CYS A 32 12.75 -4.21 -3.06
C CYS A 32 13.11 -3.75 -4.47
N PRO A 3 -17.41 1.25 -9.69
CA PRO A 3 -15.97 1.20 -9.43
C PRO A 3 -15.64 1.43 -7.96
N ALA A 4 -16.19 0.58 -7.10
CA ALA A 4 -15.95 0.70 -5.67
C ALA A 4 -16.91 1.70 -5.02
N TRP A 9 -9.93 4.75 -6.66
CA TRP A 9 -8.48 4.62 -6.81
C TRP A 9 -7.75 5.50 -5.82
N THR A 10 -8.33 6.66 -5.53
CA THR A 10 -7.72 7.61 -4.60
C THR A 10 -7.49 6.97 -3.24
N CYS A 11 -8.57 6.60 -2.57
CA CYS A 11 -8.49 5.97 -1.25
C CYS A 11 -7.58 4.74 -1.30
N ILE A 12 -7.63 4.01 -2.40
CA ILE A 12 -6.82 2.81 -2.58
C ILE A 12 -5.33 3.15 -2.55
N ALA A 14 -3.62 5.80 -1.85
CA ALA A 14 -3.10 6.56 -0.71
C ALA A 14 -2.87 5.65 0.50
N GLY A 15 -3.83 4.77 0.75
CA GLY A 15 -3.71 3.86 1.88
C GLY A 15 -2.67 2.78 1.65
N VAL A 16 -2.71 2.15 0.49
CA VAL A 16 -1.77 1.09 0.15
C VAL A 16 -0.33 1.55 0.39
N VAL A 18 1.09 3.53 2.49
CA VAL A 18 1.56 3.59 3.86
C VAL A 18 1.84 2.20 4.42
N ALA A 20 2.53 -0.68 2.79
CA ALA A 20 3.71 -1.25 2.15
C ALA A 20 4.97 -0.52 2.59
N SER A 21 4.82 0.50 3.42
CA SER A 21 5.93 1.28 3.91
C SER A 21 6.55 0.63 5.15
N LEU A 22 5.69 0.25 6.10
CA LEU A 22 6.14 -0.38 7.33
C LEU A 22 5.51 -1.75 7.50
N CYS A 23 4.20 -1.83 7.32
CA CYS A 23 3.47 -3.08 7.46
C CYS A 23 4.38 -4.27 7.14
N PRO A 24 4.48 -5.20 8.10
CA PRO A 24 5.32 -6.40 7.95
C PRO A 24 5.08 -7.10 6.62
N LYS A 27 8.73 -5.03 2.74
CA LYS A 27 10.03 -4.87 2.10
C LYS A 27 10.65 -6.22 1.74
N CYS A 28 9.90 -7.29 2.00
CA CYS A 28 10.36 -8.63 1.71
C CYS A 28 10.07 -9.01 0.26
N SER A 30 8.46 -7.17 -1.72
CA SER A 30 7.32 -6.34 -2.12
C SER A 30 7.79 -5.03 -2.73
N ARG A 31 8.93 -4.53 -2.25
CA ARG A 31 9.48 -3.28 -2.74
C ARG A 31 10.99 -3.41 -2.99
N CYS A 32 11.68 -4.05 -2.05
CA CYS A 32 13.12 -4.24 -2.17
C CYS A 32 13.77 -3.04 -2.86
N PRO A 3 -16.21 4.24 -10.94
CA PRO A 3 -17.41 4.09 -10.12
C PRO A 3 -17.10 3.49 -8.75
N ALA A 4 -16.22 4.15 -8.01
CA ALA A 4 -15.84 3.68 -6.67
C ALA A 4 -16.82 4.18 -5.62
N TRP A 9 -11.76 1.49 -5.62
CA TRP A 9 -10.36 1.69 -6.00
C TRP A 9 -9.68 2.71 -5.10
N THR A 10 -10.42 3.76 -4.74
CA THR A 10 -9.90 4.80 -3.87
C THR A 10 -9.45 4.24 -2.54
N CYS A 11 -10.37 3.58 -1.84
CA CYS A 11 -10.07 2.99 -0.54
C CYS A 11 -8.86 2.06 -0.64
N ILE A 12 -8.76 1.34 -1.75
CA ILE A 12 -7.66 0.41 -1.96
C ILE A 12 -6.32 1.15 -1.99
N ALA A 14 -5.34 4.11 -1.37
CA ALA A 14 -5.01 5.00 -0.26
C ALA A 14 -4.48 4.21 0.93
N GLY A 15 -5.15 3.10 1.24
CA GLY A 15 -4.74 2.27 2.36
C GLY A 15 -3.45 1.53 2.09
N VAL A 16 -3.37 0.89 0.92
CA VAL A 16 -2.18 0.14 0.54
C VAL A 16 -0.92 0.97 0.73
N VAL A 18 -0.02 3.30 2.76
CA VAL A 18 0.46 3.51 4.12
C VAL A 18 1.13 2.25 4.66
N ALA A 20 2.49 -0.32 3.10
CA ALA A 20 3.75 -0.57 2.43
C ALA A 20 4.82 0.43 2.88
N SER A 21 4.41 1.38 3.74
CA SER A 21 5.33 2.39 4.24
C SER A 21 6.10 1.87 5.44
N LEU A 22 5.39 1.28 6.40
CA LEU A 22 6.01 0.75 7.60
C LEU A 22 5.73 -0.75 7.74
N CYS A 23 4.46 -1.12 7.59
CA CYS A 23 4.06 -2.52 7.71
C CYS A 23 5.20 -3.45 7.30
N PRO A 24 5.63 -4.30 8.26
CA PRO A 24 6.72 -5.26 8.02
C PRO A 24 6.54 -6.03 6.73
N LYS A 27 9.31 -4.10 2.21
CA LYS A 27 10.49 -3.88 1.39
C LYS A 27 11.10 -5.19 0.92
N CYS A 28 10.56 -6.30 1.43
CA CYS A 28 11.04 -7.63 1.06
C CYS A 28 10.35 -8.12 -0.20
N SER A 30 8.27 -6.31 -1.95
CA SER A 30 7.15 -5.40 -2.16
C SER A 30 7.63 -4.11 -2.82
N ARG A 31 8.57 -3.43 -2.17
CA ARG A 31 9.11 -2.18 -2.69
C ARG A 31 10.61 -2.29 -2.92
N CYS A 32 11.03 -3.42 -3.49
CA CYS A 32 12.44 -3.65 -3.76
C CYS A 32 12.84 -3.04 -5.10
N PRO A 3 -15.20 -0.23 -9.03
CA PRO A 3 -16.45 0.34 -8.53
C PRO A 3 -16.56 0.24 -7.01
N ALA A 4 -15.57 0.79 -6.31
CA ALA A 4 -15.57 0.76 -4.86
C ALA A 4 -16.38 1.91 -4.27
N TRP A 9 -11.03 4.81 -6.15
CA TRP A 9 -9.58 4.76 -6.35
C TRP A 9 -8.86 5.61 -5.31
N THR A 10 -9.48 6.73 -4.94
CA THR A 10 -8.90 7.64 -3.96
C THR A 10 -8.61 6.92 -2.65
N CYS A 11 -9.66 6.43 -2.00
CA CYS A 11 -9.51 5.72 -0.73
C CYS A 11 -8.53 4.55 -0.88
N ILE A 12 -8.56 3.90 -2.03
CA ILE A 12 -7.68 2.77 -2.29
C ILE A 12 -6.22 3.19 -2.27
N ALA A 14 -4.64 5.88 -1.42
CA ALA A 14 -4.14 6.59 -0.25
C ALA A 14 -3.83 5.62 0.88
N GLY A 15 -4.74 4.66 1.11
CA GLY A 15 -4.54 3.69 2.16
C GLY A 15 -3.44 2.70 1.85
N VAL A 16 -3.47 2.15 0.64
CA VAL A 16 -2.47 1.18 0.22
C VAL A 16 -1.07 1.70 0.47
N VAL A 18 0.27 3.63 2.67
CA VAL A 18 0.78 3.63 4.03
C VAL A 18 1.16 2.23 4.49
N ALA A 20 1.98 -0.48 2.66
CA ALA A 20 3.18 -0.95 1.96
C ALA A 20 4.41 -0.16 2.42
N SER A 21 4.19 0.80 3.32
CA SER A 21 5.28 1.61 3.83
C SER A 21 5.96 0.93 5.02
N LEU A 22 5.16 0.44 5.95
CA LEU A 22 5.68 -0.24 7.13
C LEU A 22 5.14 -1.66 7.23
N CYS A 23 3.83 -1.81 7.07
CA CYS A 23 3.19 -3.12 7.14
C CYS A 23 4.17 -4.22 6.72
N PRO A 24 4.35 -5.21 7.62
CA PRO A 24 5.26 -6.33 7.37
C PRO A 24 5.05 -6.96 6.01
N LYS A 27 8.47 -4.43 2.19
CA LYS A 27 9.75 -4.13 1.56
C LYS A 27 10.48 -5.41 1.16
N CYS A 28 9.80 -6.54 1.31
CA CYS A 28 10.37 -7.83 0.96
C CYS A 28 10.17 -8.14 -0.52
N SER A 30 8.63 -6.22 -2.50
CA SER A 30 7.50 -5.39 -2.92
C SER A 30 7.98 -4.18 -3.71
N ARG A 31 8.96 -3.48 -3.16
CA ARG A 31 9.50 -2.29 -3.82
C ARG A 31 11.03 -2.36 -3.88
N CYS A 32 11.63 -2.93 -2.84
CA CYS A 32 13.09 -3.04 -2.77
C CYS A 32 13.76 -1.86 -3.45
N PRO A 3 -16.45 6.80 -10.91
CA PRO A 3 -15.60 7.52 -9.96
C PRO A 3 -15.43 6.76 -8.64
N ALA A 4 -15.78 5.48 -8.66
CA ALA A 4 -15.66 4.64 -7.47
C ALA A 4 -16.90 4.79 -6.58
N TRP A 9 -11.50 1.45 -5.93
CA TRP A 9 -10.10 1.48 -6.35
C TRP A 9 -9.31 2.52 -5.56
N THR A 10 -9.96 3.64 -5.25
CA THR A 10 -9.32 4.71 -4.51
C THR A 10 -8.91 4.25 -3.11
N CYS A 11 -9.87 3.76 -2.35
CA CYS A 11 -9.61 3.28 -1.00
C CYS A 11 -8.51 2.22 -1.00
N ILE A 12 -8.50 1.39 -2.03
CA ILE A 12 -7.49 0.33 -2.15
C ILE A 12 -6.09 0.92 -2.27
N ALA A 14 -4.81 3.83 -1.98
CA ALA A 14 -4.36 4.78 -0.97
C ALA A 14 -3.91 4.06 0.30
N GLY A 15 -4.68 3.08 0.72
CA GLY A 15 -4.34 2.32 1.92
C GLY A 15 -3.13 1.43 1.72
N VAL A 16 -3.15 0.67 0.63
CA VAL A 16 -2.05 -0.24 0.33
C VAL A 16 -0.70 0.48 0.42
N VAL A 18 0.46 2.88 2.19
CA VAL A 18 1.00 3.18 3.50
C VAL A 18 1.55 1.93 4.17
N ALA A 20 2.65 -0.95 2.79
CA ALA A 20 3.87 -1.37 2.13
C ALA A 20 5.01 -0.40 2.39
N SER A 21 4.71 0.67 3.12
CA SER A 21 5.71 1.67 3.44
C SER A 21 6.49 1.28 4.70
N LEU A 22 5.77 0.87 5.73
CA LEU A 22 6.40 0.46 6.99
C LEU A 22 6.04 -0.97 7.33
N CYS A 23 4.75 -1.29 7.27
CA CYS A 23 4.27 -2.62 7.58
C CYS A 23 5.35 -3.67 7.31
N PRO A 24 5.67 -4.46 8.35
CA PRO A 24 6.70 -5.51 8.26
C PRO A 24 6.52 -6.38 7.02
N LYS A 27 9.52 -4.17 2.70
CA LYS A 27 10.73 -3.85 1.95
C LYS A 27 11.57 -5.10 1.71
N CYS A 28 11.04 -6.25 2.10
CA CYS A 28 11.74 -7.52 1.92
C CYS A 28 11.47 -8.09 0.54
N SER A 30 9.68 -6.52 -1.71
CA SER A 30 8.55 -5.77 -2.23
C SER A 30 9.00 -4.45 -2.83
N ARG A 31 9.64 -3.62 -2.02
CA ARG A 31 10.12 -2.33 -2.48
C ARG A 31 11.64 -2.21 -2.31
N CYS A 32 12.34 -3.29 -2.64
CA CYS A 32 13.80 -3.32 -2.53
C CYS A 32 14.46 -2.63 -3.71
N PRO A 3 -15.34 5.72 -10.68
CA PRO A 3 -16.39 6.10 -9.73
C PRO A 3 -16.52 5.09 -8.58
N ALA A 4 -15.41 4.88 -7.87
CA ALA A 4 -15.41 3.96 -6.74
C ALA A 4 -15.87 4.64 -5.46
N TRP A 9 -12.04 0.89 -5.64
CA TRP A 9 -10.65 1.01 -6.07
C TRP A 9 -9.92 2.07 -5.27
N THR A 10 -10.64 3.15 -4.92
CA THR A 10 -10.06 4.24 -4.15
C THR A 10 -9.60 3.76 -2.78
N CYS A 11 -10.52 3.19 -2.01
CA CYS A 11 -10.22 2.69 -0.68
C CYS A 11 -9.05 1.71 -0.72
N ILE A 12 -9.00 0.91 -1.78
CA ILE A 12 -7.93 -0.07 -1.94
C ILE A 12 -6.57 0.60 -2.06
N ALA A 14 -5.47 3.57 -1.70
CA ALA A 14 -5.07 4.52 -0.67
C ALA A 14 -4.55 3.81 0.57
N GLY A 15 -5.26 2.75 0.98
CA GLY A 15 -4.86 2.00 2.15
C GLY A 15 -3.60 1.18 1.92
N VAL A 16 -3.57 0.46 0.80
CA VAL A 16 -2.42 -0.36 0.46
C VAL A 16 -1.12 0.43 0.56
N VAL A 18 -0.10 2.86 2.38
CA VAL A 18 0.44 3.15 3.70
C VAL A 18 1.09 1.91 4.32
N ALA A 20 2.33 -0.85 2.85
CA ALA A 20 3.57 -1.18 2.15
C ALA A 20 4.65 -0.14 2.44
N SER A 21 4.30 0.88 3.21
CA SER A 21 5.24 1.94 3.55
C SER A 21 6.07 1.56 4.77
N LEU A 22 5.39 1.08 5.81
CA LEU A 22 6.05 0.67 7.05
C LEU A 22 5.77 -0.80 7.36
N CYS A 23 4.51 -1.18 7.30
CA CYS A 23 4.12 -2.56 7.58
C CYS A 23 5.26 -3.52 7.26
N PRO A 24 5.65 -4.32 8.27
CA PRO A 24 6.73 -5.30 8.13
C PRO A 24 6.58 -6.15 6.88
N LYS A 27 9.36 -3.61 2.56
CA LYS A 27 10.54 -3.21 1.80
C LYS A 27 11.42 -4.41 1.48
N CYS A 28 10.97 -5.60 1.89
CA CYS A 28 11.71 -6.83 1.64
C CYS A 28 11.38 -7.39 0.26
N SER A 30 9.26 -6.14 -1.75
CA SER A 30 7.98 -5.56 -2.13
C SER A 30 8.16 -4.14 -2.64
N ARG A 31 8.79 -3.29 -1.83
CA ARG A 31 9.01 -1.90 -2.21
C ARG A 31 10.51 -1.58 -2.18
N CYS A 32 11.31 -2.49 -2.71
CA CYS A 32 12.76 -2.31 -2.76
C CYS A 32 13.17 -1.50 -3.99
N PRO A 3 -17.27 0.96 -10.13
CA PRO A 3 -15.83 0.88 -9.83
C PRO A 3 -15.54 1.17 -8.37
N ALA A 4 -16.14 0.40 -7.47
CA ALA A 4 -15.92 0.57 -6.05
C ALA A 4 -16.85 1.63 -5.47
N TRP A 9 -9.80 4.44 -7.19
CA TRP A 9 -8.35 4.27 -7.30
C TRP A 9 -7.61 5.21 -6.35
N THR A 10 -8.16 6.39 -6.15
CA THR A 10 -7.55 7.38 -5.27
C THR A 10 -7.34 6.80 -3.87
N CYS A 11 -8.44 6.49 -3.20
CA CYS A 11 -8.38 5.92 -1.86
C CYS A 11 -7.49 4.69 -1.82
N ILE A 12 -7.54 3.90 -2.88
CA ILE A 12 -6.74 2.69 -2.97
C ILE A 12 -5.24 3.01 -2.95
N ALA A 14 -3.50 5.67 -2.37
CA ALA A 14 -2.99 6.48 -1.28
C ALA A 14 -2.78 5.65 -0.02
N GLY A 15 -3.75 4.79 0.27
CA GLY A 15 -3.67 3.94 1.45
C GLY A 15 -2.63 2.85 1.30
N VAL A 16 -2.67 2.14 0.17
CA VAL A 16 -1.73 1.07 -0.09
C VAL A 16 -0.29 1.52 0.14
N VAL A 18 1.11 3.60 2.14
CA VAL A 18 1.57 3.74 3.52
C VAL A 18 1.83 2.38 4.16
N ALA A 20 2.52 -0.59 2.70
CA ALA A 20 3.70 -1.20 2.11
C ALA A 20 4.97 -0.47 2.53
N SER A 21 4.80 0.61 3.29
CA SER A 21 5.94 1.40 3.75
C SER A 21 6.52 0.82 5.03
N LEU A 22 5.64 0.51 5.98
CA LEU A 22 6.08 -0.06 7.26
C LEU A 22 5.43 -1.42 7.50
N CYS A 23 4.12 -1.48 7.31
CA CYS A 23 3.39 -2.73 7.51
C CYS A 23 4.29 -3.94 7.26
N PRO A 24 4.38 -4.81 8.28
CA PRO A 24 5.21 -6.02 8.21
C PRO A 24 4.97 -6.80 6.92
N LYS A 27 8.68 -4.97 2.95
CA LYS A 27 9.98 -4.86 2.31
C LYS A 27 10.57 -6.23 2.03
N CYS A 28 9.81 -7.28 2.36
CA CYS A 28 10.27 -8.65 2.14
C CYS A 28 9.95 -9.10 0.73
N SER A 30 8.43 -7.31 -1.45
CA SER A 30 7.39 -6.41 -1.93
C SER A 30 7.99 -5.08 -2.40
N ARG A 31 8.72 -4.43 -1.50
CA ARG A 31 9.35 -3.15 -1.83
C ARG A 31 10.87 -3.23 -1.65
N CYS A 32 11.45 -4.33 -2.12
CA CYS A 32 12.89 -4.53 -2.01
C CYS A 32 13.62 -3.86 -3.18
N PRO A 3 -14.82 -0.18 -9.39
CA PRO A 3 -16.08 0.44 -8.92
C PRO A 3 -16.23 0.35 -7.40
N ALA A 4 -15.25 0.90 -6.68
CA ALA A 4 -15.28 0.88 -5.22
C ALA A 4 -16.09 2.05 -4.68
N TRP A 9 -10.62 4.81 -6.46
CA TRP A 9 -9.18 4.72 -6.61
C TRP A 9 -8.47 5.58 -5.56
N THR A 10 -9.07 6.71 -5.23
CA THR A 10 -8.50 7.61 -4.25
C THR A 10 -8.24 6.90 -2.92
N CYS A 11 -9.32 6.46 -2.28
CA CYS A 11 -9.22 5.76 -1.01
C CYS A 11 -8.27 4.58 -1.11
N ILE A 12 -8.28 3.90 -2.26
CA ILE A 12 -7.43 2.75 -2.49
C ILE A 12 -5.95 3.15 -2.42
N ALA A 14 -4.35 5.80 -1.57
CA ALA A 14 -3.87 6.52 -0.39
C ALA A 14 -3.61 5.55 0.77
N GLY A 15 -4.53 4.62 0.97
CA GLY A 15 -4.38 3.65 2.05
C GLY A 15 -3.30 2.64 1.77
N VAL A 16 -3.31 2.07 0.57
CA VAL A 16 -2.31 1.07 0.19
C VAL A 16 -0.90 1.57 0.48
N VAL A 18 0.41 3.50 2.68
CA VAL A 18 0.88 3.51 4.06
C VAL A 18 1.21 2.11 4.55
N ALA A 20 2.04 -0.64 2.79
CA ALA A 20 3.24 -1.13 2.13
C ALA A 20 4.47 -0.38 2.63
N SER A 21 4.25 0.59 3.50
CA SER A 21 5.35 1.39 4.05
C SER A 21 5.97 0.70 5.26
N LEU A 22 5.12 0.24 6.17
CA LEU A 22 5.59 -0.45 7.37
C LEU A 22 5.01 -1.86 7.46
N CYS A 23 3.70 -1.96 7.27
CA CYS A 23 3.03 -3.26 7.33
C CYS A 23 3.99 -4.39 6.96
N PRO A 24 4.15 -5.36 7.87
CA PRO A 24 5.03 -6.51 7.65
C PRO A 24 4.82 -7.16 6.29
N LYS A 27 8.38 -4.67 2.51
CA LYS A 27 9.66 -4.42 1.86
C LYS A 27 10.28 -5.74 1.39
N CYS A 28 9.59 -6.85 1.67
CA CYS A 28 10.08 -8.16 1.27
C CYS A 28 9.67 -8.49 -0.16
N SER A 30 7.83 -6.68 -1.99
CA SER A 30 6.67 -5.84 -2.27
C SER A 30 7.11 -4.41 -2.60
N ARG A 31 7.87 -3.80 -1.70
CA ARG A 31 8.35 -2.44 -1.89
C ARG A 31 9.87 -2.39 -1.83
N CYS A 32 10.52 -3.38 -2.44
CA CYS A 32 11.97 -3.44 -2.46
C CYS A 32 12.56 -2.54 -3.54
N PRO A 3 -17.06 8.51 -9.39
CA PRO A 3 -15.63 8.19 -9.33
C PRO A 3 -15.36 6.83 -8.68
N ALA A 4 -15.97 5.79 -9.24
CA ALA A 4 -15.78 4.44 -8.73
C ALA A 4 -16.67 4.21 -7.50
N TRP A 9 -11.55 -0.47 -5.96
CA TRP A 9 -10.16 -0.34 -6.38
C TRP A 9 -9.47 0.82 -5.68
N THR A 10 -10.13 1.98 -5.68
CA THR A 10 -9.59 3.17 -5.04
C THR A 10 -9.17 2.88 -3.61
N CYS A 11 -10.10 2.37 -2.81
CA CYS A 11 -9.82 2.04 -1.41
C CYS A 11 -8.61 1.11 -1.30
N ILE A 12 -8.51 0.18 -2.25
CA ILE A 12 -7.40 -0.77 -2.26
C ILE A 12 -6.07 -0.05 -2.43
N ALA A 14 -5.05 2.97 -2.44
CA ALA A 14 -4.72 4.05 -1.51
C ALA A 14 -4.21 3.50 -0.18
N GLY A 15 -4.91 2.50 0.34
CA GLY A 15 -4.52 1.91 1.61
C GLY A 15 -3.25 1.10 1.50
N VAL A 16 -3.17 0.24 0.48
CA VAL A 16 -2.00 -0.59 0.27
C VAL A 16 -0.72 0.24 0.32
N VAL A 18 0.21 2.89 1.86
CA VAL A 18 0.70 3.35 3.16
C VAL A 18 1.33 2.21 3.95
N ALA A 20 2.64 -0.66 2.93
CA ALA A 20 3.91 -1.05 2.34
C ALA A 20 4.98 -0.01 2.59
N SER A 21 4.60 1.09 3.23
CA SER A 21 5.52 2.18 3.53
C SER A 21 6.28 1.91 4.82
N LEU A 22 5.54 1.53 5.86
CA LEU A 22 6.15 1.24 7.15
C LEU A 22 5.83 -0.19 7.59
N CYS A 23 4.56 -0.55 7.53
CA CYS A 23 4.12 -1.89 7.92
C CYS A 23 5.25 -2.90 7.77
N PRO A 24 5.58 -3.59 8.88
CA PRO A 24 6.64 -4.59 8.89
C PRO A 24 6.53 -5.57 7.72
N LYS A 27 9.64 -3.91 3.26
CA LYS A 27 10.87 -3.67 2.52
C LYS A 27 11.67 -4.96 2.36
N CYS A 28 11.12 -6.05 2.88
CA CYS A 28 11.77 -7.35 2.79
C CYS A 28 11.44 -8.05 1.47
N SER A 30 9.46 -6.87 -0.68
CA SER A 30 8.20 -6.28 -1.13
C SER A 30 8.45 -5.19 -2.16
N ARG A 31 9.44 -4.34 -1.90
CA ARG A 31 9.78 -3.25 -2.80
C ARG A 31 11.29 -3.21 -3.06
N CYS A 32 12.07 -3.50 -2.03
CA CYS A 32 13.52 -3.51 -2.15
C CYS A 32 13.99 -2.42 -3.12
#